data_1KKU
#
_entry.id   1KKU
#
_cell.length_a   147.459
_cell.length_b   147.459
_cell.length_c   61.710
_cell.angle_alpha   90.00
_cell.angle_beta   90.00
_cell.angle_gamma   120.00
#
_symmetry.space_group_name_H-M   'P 63 2 2'
#
loop_
_entity.id
_entity.type
_entity.pdbx_description
1 polymer 'NICOTINAMIDE MONONUCLEOTIDE ADENYLYLTRANSFERASE'
2 water water
#
_entity_poly.entity_id   1
_entity_poly.type   'polypeptide(L)'
_entity_poly.pdbx_seq_one_letter_code
;MENSEKTEVVLLACGSFNPITNMHLRLFELAKDYMNGTGRYTVVKGIISPVGDAYKKKGLIPAYHRVIMAELATKNSKWV
EVDTWESLQKEWKETLKVLRHHQEKLEASDCDHQQNSPTLERPGRKRKWTETQDSSQKKSLEPKTKAVPKVKLLCGADLL
ESFAVPNLWKSEDITQIVANYGLICVTRAGNDAQKFIYESDVLWKHRSNIHVVNEWFANDISSTKIRRALRRGQSIRYLV
PDLVQEYIEKHNLYSSESEDRNAGVILAPLQRNTAEAKT
;
_entity_poly.pdbx_strand_id   A
#
# COMPACT_ATOMS: atom_id res chain seq x y z
N GLU A 5 16.96 20.07 7.73
CA GLU A 5 17.90 19.32 6.82
C GLU A 5 17.40 17.90 6.55
N LYS A 6 16.19 17.58 6.99
CA LYS A 6 15.68 16.22 6.93
C LYS A 6 15.43 15.83 5.46
N THR A 7 15.27 14.55 5.14
CA THR A 7 14.95 14.18 3.75
C THR A 7 13.44 14.20 3.54
N GLU A 8 12.98 14.71 2.39
CA GLU A 8 11.57 14.75 2.04
C GLU A 8 11.17 13.41 1.38
N VAL A 9 10.11 12.79 1.88
CA VAL A 9 9.72 11.47 1.39
C VAL A 9 8.27 11.44 0.92
N VAL A 10 8.01 10.70 -0.15
CA VAL A 10 6.63 10.41 -0.52
C VAL A 10 6.31 8.94 -0.29
N LEU A 11 5.15 8.65 0.28
CA LEU A 11 4.72 7.28 0.59
C LEU A 11 3.78 6.74 -0.47
N LEU A 12 4.16 5.66 -1.13
CA LEU A 12 3.38 5.09 -2.21
C LEU A 12 2.93 3.71 -1.82
N ALA A 13 1.61 3.53 -1.77
CA ALA A 13 1.04 2.24 -1.55
C ALA A 13 0.29 1.75 -2.78
N CYS A 14 0.83 0.69 -3.39
CA CYS A 14 0.17 -0.12 -4.40
C CYS A 14 -0.69 -1.21 -3.76
N GLY A 15 -1.54 -1.84 -4.56
CA GLY A 15 -2.41 -2.87 -4.05
C GLY A 15 -3.74 -2.87 -4.80
N SER A 16 -4.66 -3.73 -4.35
CA SER A 16 -5.95 -3.88 -4.98
C SER A 16 -7.04 -3.02 -4.33
N PHE A 17 -6.85 -2.66 -3.05
CA PHE A 17 -7.86 -1.88 -2.32
C PHE A 17 -9.23 -2.43 -2.64
N ASN A 18 -9.43 -3.69 -2.31
CA ASN A 18 -10.64 -4.33 -2.77
C ASN A 18 -11.54 -4.91 -1.69
N PRO A 19 -12.18 -4.07 -0.89
CA PRO A 19 -11.99 -2.61 -0.86
C PRO A 19 -10.96 -2.10 0.14
N ILE A 20 -10.81 -0.79 0.18
CA ILE A 20 -9.98 -0.07 1.16
C ILE A 20 -10.70 -0.15 2.49
N THR A 21 -9.95 -0.13 3.58
CA THR A 21 -10.60 -0.19 4.90
C THR A 21 -9.83 0.73 5.85
N ASN A 22 -10.27 0.79 7.11
CA ASN A 22 -9.54 1.64 8.07
C ASN A 22 -8.07 1.23 8.23
N MET A 23 -7.82 -0.07 8.11
CA MET A 23 -6.44 -0.59 8.25
C MET A 23 -5.47 0.07 7.25
N HIS A 24 -5.82 0.21 5.96
CA HIS A 24 -4.89 0.85 5.00
C HIS A 24 -4.63 2.30 5.32
N LEU A 25 -5.67 2.96 5.79
CA LEU A 25 -5.59 4.38 6.17
C LEU A 25 -4.69 4.56 7.38
N ARG A 26 -4.83 3.65 8.35
CA ARG A 26 -4.00 3.65 9.54
C ARG A 26 -2.54 3.45 9.17
N LEU A 27 -2.25 2.52 8.24
CA LEU A 27 -0.85 2.34 7.82
C LEU A 27 -0.16 3.63 7.42
N PHE A 28 -0.85 4.50 6.67
CA PHE A 28 -0.21 5.78 6.35
C PHE A 28 0.14 6.62 7.55
N GLU A 29 -0.81 6.82 8.48
CA GLU A 29 -0.60 7.73 9.61
C GLU A 29 0.53 7.10 10.46
N LEU A 30 0.48 5.79 10.65
CA LEU A 30 1.52 5.10 11.36
C LEU A 30 2.88 5.45 10.72
N ALA A 31 2.97 5.36 9.40
CA ALA A 31 4.30 5.34 8.80
C ALA A 31 4.88 6.74 8.81
N LYS A 32 4.00 7.71 8.67
CA LYS A 32 4.44 9.10 8.70
C LYS A 32 4.87 9.49 10.09
N ASP A 33 4.09 9.13 11.09
CA ASP A 33 4.50 9.44 12.43
C ASP A 33 5.91 8.90 12.65
N TYR A 34 6.19 7.70 12.10
CA TYR A 34 7.44 7.03 12.42
C TYR A 34 8.52 7.79 11.68
N MET A 35 8.34 7.91 10.39
CA MET A 35 9.38 8.54 9.59
C MET A 35 9.73 9.88 10.24
N ASN A 36 8.72 10.71 10.47
CA ASN A 36 8.96 12.07 10.98
C ASN A 36 9.62 12.05 12.38
N GLY A 37 9.41 10.98 13.13
CA GLY A 37 10.01 10.84 14.44
C GLY A 37 11.41 10.26 14.45
N THR A 38 11.95 9.94 13.28
CA THR A 38 13.36 9.55 13.17
C THR A 38 14.23 10.76 13.47
N GLY A 39 13.71 11.93 13.12
CA GLY A 39 14.49 13.15 13.13
C GLY A 39 15.23 13.29 11.83
N ARG A 40 15.19 12.23 11.02
CA ARG A 40 15.93 12.24 9.76
C ARG A 40 15.08 12.53 8.52
N TYR A 41 13.76 12.50 8.62
CA TYR A 41 12.87 12.72 7.46
C TYR A 41 11.70 13.61 7.75
N THR A 42 11.05 14.01 6.67
CA THR A 42 9.81 14.76 6.72
C THR A 42 8.91 14.22 5.62
N VAL A 43 7.75 13.74 6.00
CA VAL A 43 6.90 13.04 5.05
C VAL A 43 6.04 14.06 4.36
N VAL A 44 5.98 14.00 3.04
CA VAL A 44 5.44 15.19 2.39
C VAL A 44 4.14 14.96 1.67
N LYS A 45 3.90 13.72 1.28
CA LYS A 45 2.65 13.38 0.62
C LYS A 45 2.54 11.85 0.66
N GLY A 46 1.32 11.32 0.71
CA GLY A 46 1.15 9.92 0.39
C GLY A 46 0.25 9.61 -0.80
N ILE A 47 0.45 8.44 -1.41
CA ILE A 47 -0.29 8.11 -2.60
C ILE A 47 -0.73 6.67 -2.59
N ILE A 48 -2.03 6.49 -2.75
CA ILE A 48 -2.66 5.18 -2.88
C ILE A 48 -2.79 5.02 -4.39
N SER A 49 -2.45 3.86 -4.92
CA SER A 49 -2.54 3.63 -6.36
C SER A 49 -3.07 2.24 -6.60
N PRO A 50 -4.36 2.11 -6.78
CA PRO A 50 -4.99 0.80 -6.99
C PRO A 50 -4.61 0.09 -8.29
N VAL A 51 -4.59 -1.25 -8.29
CA VAL A 51 -4.17 -1.99 -9.46
C VAL A 51 -5.26 -1.86 -10.56
N GLY A 52 -4.96 -2.21 -11.80
CA GLY A 52 -5.87 -1.93 -12.90
C GLY A 52 -6.67 -3.16 -13.23
N ASP A 53 -7.48 -3.07 -14.28
CA ASP A 53 -8.37 -4.16 -14.65
C ASP A 53 -7.61 -5.22 -15.49
N ALA A 54 -6.39 -4.93 -15.95
CA ALA A 54 -5.65 -5.93 -16.71
C ALA A 54 -5.26 -7.10 -15.81
N TYR A 55 -5.06 -6.81 -14.54
CA TYR A 55 -4.69 -7.83 -13.58
C TYR A 55 -6.00 -8.53 -13.54
N LYS A 56 -6.11 -9.73 -14.07
CA LYS A 56 -7.45 -10.25 -14.05
C LYS A 56 -7.59 -11.20 -12.90
N LYS A 57 -7.87 -10.73 -11.69
CA LYS A 57 -8.19 -11.70 -10.66
C LYS A 57 -9.66 -11.88 -10.40
N LYS A 58 -10.02 -13.02 -9.83
CA LYS A 58 -11.40 -13.29 -9.46
C LYS A 58 -11.71 -12.57 -8.15
N GLY A 59 -12.92 -12.02 -8.06
CA GLY A 59 -13.29 -11.19 -6.92
C GLY A 59 -12.82 -9.75 -7.02
N LEU A 60 -11.89 -9.48 -7.91
CA LEU A 60 -11.41 -8.13 -8.08
C LEU A 60 -12.41 -7.32 -8.89
N ILE A 61 -13.05 -6.32 -8.30
CA ILE A 61 -14.09 -5.59 -9.01
C ILE A 61 -13.46 -4.49 -9.86
N PRO A 62 -14.24 -3.95 -10.78
CA PRO A 62 -13.74 -2.94 -11.75
C PRO A 62 -13.01 -1.82 -10.98
N ALA A 63 -11.84 -1.46 -11.47
CA ALA A 63 -11.07 -0.36 -10.95
C ALA A 63 -11.90 0.88 -10.54
N TYR A 64 -12.97 1.20 -11.25
CA TYR A 64 -13.52 2.54 -11.12
C TYR A 64 -14.17 2.54 -9.76
N HIS A 65 -14.71 1.38 -9.40
CA HIS A 65 -15.27 1.30 -8.05
C HIS A 65 -14.21 1.46 -6.96
N ARG A 66 -13.06 0.83 -7.21
CA ARG A 66 -12.03 0.78 -6.17
C ARG A 66 -11.37 2.16 -6.09
N VAL A 67 -11.24 2.82 -7.23
CA VAL A 67 -10.81 4.20 -7.22
C VAL A 67 -11.80 5.08 -6.44
N ILE A 68 -13.10 4.99 -6.70
CA ILE A 68 -14.04 5.82 -5.91
C ILE A 68 -13.78 5.65 -4.43
N MET A 69 -13.89 4.41 -3.96
CA MET A 69 -13.91 4.13 -2.54
C MET A 69 -12.63 4.61 -1.91
N ALA A 70 -11.55 4.50 -2.64
CA ALA A 70 -10.37 5.14 -2.09
C ALA A 70 -10.49 6.66 -2.07
N GLU A 71 -11.18 7.25 -3.05
CA GLU A 71 -11.24 8.72 -3.02
C GLU A 71 -12.20 9.10 -1.87
N LEU A 72 -13.22 8.29 -1.63
CA LEU A 72 -14.08 8.65 -0.53
C LEU A 72 -13.31 8.54 0.76
N ALA A 73 -12.40 7.58 0.83
CA ALA A 73 -11.75 7.27 2.09
C ALA A 73 -10.81 8.36 2.50
N THR A 74 -10.22 9.02 1.50
CA THR A 74 -9.29 10.12 1.75
C THR A 74 -9.75 11.56 1.51
N LYS A 75 -11.05 11.82 1.34
CA LYS A 75 -11.48 13.18 0.98
C LYS A 75 -11.10 14.33 1.94
N ASN A 76 -10.95 13.98 3.19
CA ASN A 76 -10.72 14.94 4.25
C ASN A 76 -9.26 14.94 4.67
N SER A 77 -8.45 14.07 4.08
CA SER A 77 -7.07 13.96 4.53
C SER A 77 -6.27 15.12 3.95
N LYS A 78 -5.49 15.77 4.79
CA LYS A 78 -4.65 16.83 4.30
C LYS A 78 -3.56 16.32 3.36
N TRP A 79 -3.15 15.06 3.46
CA TRP A 79 -1.85 14.65 2.89
C TRP A 79 -1.81 13.39 1.99
N VAL A 80 -2.81 12.55 2.07
CA VAL A 80 -2.87 11.34 1.24
C VAL A 80 -3.84 11.49 0.05
N GLU A 81 -3.47 11.02 -1.14
CA GLU A 81 -4.29 11.15 -2.36
C GLU A 81 -4.26 9.86 -3.18
N VAL A 82 -5.19 9.76 -4.14
CA VAL A 82 -5.28 8.71 -5.11
C VAL A 82 -4.93 9.17 -6.51
N ASP A 83 -4.07 8.37 -7.11
CA ASP A 83 -3.57 8.53 -8.47
C ASP A 83 -3.96 7.30 -9.25
N THR A 84 -4.54 7.58 -10.42
CA THR A 84 -5.33 6.61 -11.15
C THR A 84 -4.44 6.15 -12.28
N TRP A 85 -3.24 6.73 -12.34
CA TRP A 85 -2.39 6.39 -13.46
C TRP A 85 -2.38 4.88 -13.69
N GLU A 86 -1.86 4.10 -12.74
CA GLU A 86 -1.67 2.67 -12.96
C GLU A 86 -2.97 1.95 -13.29
N SER A 87 -4.08 2.39 -12.71
CA SER A 87 -5.39 1.81 -13.01
C SER A 87 -5.80 2.03 -14.47
N LEU A 88 -5.25 3.08 -15.07
CA LEU A 88 -5.63 3.44 -16.43
C LEU A 88 -4.90 2.66 -17.54
N GLN A 89 -3.67 2.22 -17.29
CA GLN A 89 -2.87 1.61 -18.35
C GLN A 89 -3.54 0.34 -18.87
N LYS A 90 -3.33 0.04 -20.14
CA LYS A 90 -4.04 -0.98 -20.90
C LYS A 90 -3.42 -2.37 -20.64
N GLU A 91 -2.10 -2.36 -20.41
CA GLU A 91 -1.39 -3.52 -19.87
C GLU A 91 -0.95 -3.41 -18.39
N TRP A 92 -1.05 -4.51 -17.65
CA TRP A 92 -0.66 -4.50 -16.23
C TRP A 92 0.79 -4.13 -16.02
N LYS A 93 1.04 -3.33 -14.98
CA LYS A 93 2.32 -2.70 -14.69
C LYS A 93 2.90 -3.30 -13.42
N GLU A 94 4.20 -3.50 -13.43
CA GLU A 94 4.89 -4.03 -12.29
C GLU A 94 5.24 -2.90 -11.33
N THR A 95 5.28 -3.22 -10.05
CA THR A 95 5.47 -2.18 -9.03
C THR A 95 6.71 -1.36 -9.29
N LEU A 96 7.72 -1.99 -9.86
CA LEU A 96 8.94 -1.25 -10.09
C LEU A 96 8.70 -0.14 -11.14
N LYS A 97 7.83 -0.43 -12.08
CA LYS A 97 7.49 0.60 -13.05
C LYS A 97 6.59 1.65 -12.41
N VAL A 98 5.65 1.23 -11.59
CA VAL A 98 4.81 2.22 -10.94
C VAL A 98 5.70 3.14 -10.15
N LEU A 99 6.68 2.55 -9.48
CA LEU A 99 7.62 3.38 -8.71
C LEU A 99 8.42 4.38 -9.57
N ARG A 100 8.91 3.94 -10.70
CA ARG A 100 9.75 4.80 -11.52
C ARG A 100 8.83 5.89 -12.03
N HIS A 101 7.64 5.48 -12.43
CA HIS A 101 6.68 6.45 -12.90
C HIS A 101 6.51 7.56 -11.88
N HIS A 102 6.28 7.22 -10.62
CA HIS A 102 6.02 8.28 -9.64
C HIS A 102 7.25 9.08 -9.20
N GLN A 103 8.43 8.47 -9.21
CA GLN A 103 9.64 9.25 -8.94
C GLN A 103 9.96 10.26 -10.06
N GLU A 104 9.85 9.82 -11.31
CA GLU A 104 10.14 10.70 -12.42
C GLU A 104 9.16 11.88 -12.41
N LYS A 105 7.94 11.66 -11.94
CA LYS A 105 6.92 12.71 -11.94
C LYS A 105 7.31 13.82 -10.96
N LEU A 106 8.08 13.47 -9.93
CA LEU A 106 8.39 14.47 -8.92
C LEU A 106 9.59 15.28 -9.39
N GLU A 107 10.44 14.62 -10.15
CA GLU A 107 11.67 15.20 -10.65
C GLU A 107 11.29 16.24 -11.71
N ALA A 108 10.06 16.11 -12.23
CA ALA A 108 9.59 16.97 -13.31
C ALA A 108 9.00 18.28 -12.80
N SER A 109 8.61 18.29 -11.53
CA SER A 109 8.39 19.54 -10.83
C SER A 109 9.72 20.18 -10.41
N ASP A 110 10.64 20.27 -11.36
CA ASP A 110 12.05 20.59 -11.16
C ASP A 110 12.82 19.57 -10.31
N VAL A 148 14.17 17.74 -4.00
CA VAL A 148 13.75 16.51 -4.68
C VAL A 148 13.31 15.42 -3.71
N PRO A 149 12.00 15.20 -3.55
CA PRO A 149 11.50 14.16 -2.65
C PRO A 149 11.63 12.72 -3.16
N LYS A 150 11.95 11.80 -2.26
CA LYS A 150 12.16 10.40 -2.61
C LYS A 150 10.88 9.57 -2.35
N VAL A 151 10.42 8.84 -3.33
CA VAL A 151 9.31 7.95 -3.10
C VAL A 151 9.79 6.72 -2.37
N LYS A 152 8.93 6.14 -1.54
CA LYS A 152 9.31 4.90 -0.89
C LYS A 152 8.08 4.03 -0.88
N LEU A 153 8.27 2.71 -1.05
CA LEU A 153 7.16 1.78 -1.08
C LEU A 153 6.74 1.43 0.36
N LEU A 154 5.45 1.60 0.62
CA LEU A 154 4.77 1.34 1.86
C LEU A 154 4.08 0.01 1.71
N CYS A 155 4.39 -0.93 2.58
CA CYS A 155 3.90 -2.29 2.43
C CYS A 155 3.78 -2.86 3.82
N GLY A 156 3.36 -4.12 3.91
CA GLY A 156 3.44 -4.90 5.13
C GLY A 156 4.39 -6.08 4.98
N ALA A 157 4.32 -7.03 5.90
CA ALA A 157 5.31 -8.10 5.93
C ALA A 157 5.06 -8.98 4.74
N ASP A 158 3.82 -9.41 4.62
CA ASP A 158 3.30 -9.96 3.40
C ASP A 158 4.19 -9.65 2.18
N LEU A 159 4.56 -8.41 1.91
CA LEU A 159 5.54 -8.19 0.84
C LEU A 159 6.86 -8.97 1.01
N LEU A 160 7.49 -8.76 2.14
CA LEU A 160 8.62 -9.59 2.49
C LEU A 160 8.34 -11.10 2.37
N GLU A 161 7.30 -11.60 3.02
CA GLU A 161 7.07 -13.00 2.74
C GLU A 161 7.14 -13.19 1.21
N SER A 162 6.46 -12.34 0.45
CA SER A 162 6.26 -12.65 -0.95
C SER A 162 7.59 -12.74 -1.66
N PHE A 163 8.57 -11.98 -1.18
CA PHE A 163 9.81 -11.73 -1.90
C PHE A 163 10.67 -12.97 -1.94
N ALA A 164 10.34 -13.95 -1.11
CA ALA A 164 11.23 -15.09 -0.93
C ALA A 164 10.66 -16.41 -1.45
N VAL A 165 9.36 -16.42 -1.72
CA VAL A 165 8.75 -17.51 -2.48
C VAL A 165 9.57 -17.89 -3.70
N PRO A 166 9.92 -19.16 -3.78
CA PRO A 166 11.06 -19.66 -4.57
C PRO A 166 11.33 -18.96 -5.91
N ASN A 167 10.41 -19.04 -6.86
CA ASN A 167 10.68 -18.57 -8.23
C ASN A 167 9.97 -17.24 -8.50
N LEU A 168 9.22 -16.73 -7.51
CA LEU A 168 8.19 -15.72 -7.70
C LEU A 168 8.72 -14.35 -8.17
N TRP A 169 9.79 -13.87 -7.55
CA TRP A 169 10.36 -12.59 -7.92
C TRP A 169 11.73 -12.79 -8.54
N LYS A 170 12.07 -11.90 -9.45
CA LYS A 170 13.41 -11.78 -10.00
C LYS A 170 14.31 -11.02 -9.05
N SER A 171 15.40 -11.65 -8.62
CA SER A 171 16.27 -11.05 -7.61
C SER A 171 16.62 -9.60 -7.95
N GLU A 172 16.75 -9.31 -9.24
CA GLU A 172 17.23 -8.01 -9.69
C GLU A 172 16.13 -6.96 -9.54
N ASP A 173 14.88 -7.40 -9.65
CA ASP A 173 13.74 -6.50 -9.43
C ASP A 173 13.62 -6.17 -7.94
N ILE A 174 13.72 -7.20 -7.10
CA ILE A 174 13.78 -6.96 -5.67
C ILE A 174 14.90 -5.97 -5.36
N THR A 175 15.97 -6.06 -6.10
CA THR A 175 17.16 -5.29 -5.74
C THR A 175 16.84 -3.86 -6.11
N GLN A 176 16.21 -3.66 -7.25
CA GLN A 176 16.02 -2.27 -7.66
C GLN A 176 15.03 -1.53 -6.74
N ILE A 177 13.96 -2.21 -6.37
CA ILE A 177 13.00 -1.62 -5.47
C ILE A 177 13.70 -1.28 -4.19
N VAL A 178 14.39 -2.24 -3.61
CA VAL A 178 14.80 -1.97 -2.25
C VAL A 178 15.77 -0.88 -2.34
N ALA A 179 16.69 -1.05 -3.30
CA ALA A 179 17.89 -0.23 -3.33
C ALA A 179 17.63 1.15 -3.91
N ASN A 180 16.80 1.28 -4.94
CA ASN A 180 16.63 2.57 -5.59
C ASN A 180 15.59 3.45 -4.90
N TYR A 181 14.62 2.81 -4.26
CA TYR A 181 13.49 3.46 -3.57
C TYR A 181 13.51 3.35 -2.04
N GLY A 182 13.35 2.12 -1.50
CA GLY A 182 13.25 1.88 -0.07
C GLY A 182 11.93 1.24 0.34
N LEU A 183 11.93 0.45 1.40
CA LEU A 183 10.67 -0.05 1.92
C LEU A 183 10.37 0.53 3.29
N ILE A 184 9.09 0.81 3.51
CA ILE A 184 8.53 1.07 4.82
C ILE A 184 7.46 0.04 5.10
N CYS A 185 7.84 -0.90 5.96
CA CYS A 185 7.06 -2.06 6.32
C CYS A 185 6.36 -1.81 7.67
N VAL A 186 5.07 -1.50 7.64
CA VAL A 186 4.32 -1.32 8.86
C VAL A 186 3.69 -2.65 9.16
N THR A 187 3.84 -3.14 10.39
CA THR A 187 3.24 -4.43 10.73
C THR A 187 3.12 -4.66 12.24
N ARG A 188 2.25 -5.61 12.57
CA ARG A 188 1.98 -6.06 13.93
C ARG A 188 2.88 -7.24 14.32
N ALA A 189 3.84 -7.58 13.46
CA ALA A 189 4.68 -8.80 13.59
C ALA A 189 6.15 -8.55 13.19
N GLY A 190 6.77 -7.52 13.74
CA GLY A 190 7.83 -6.86 13.01
C GLY A 190 8.97 -7.81 13.26
N ASN A 191 8.74 -8.53 14.31
CA ASN A 191 9.55 -9.66 14.60
C ASN A 191 9.69 -10.69 13.47
N ASP A 192 8.59 -11.13 12.84
CA ASP A 192 8.63 -11.81 11.52
C ASP A 192 9.33 -10.88 10.50
N ALA A 193 8.96 -9.61 10.42
CA ALA A 193 9.58 -8.75 9.41
C ALA A 193 11.09 -8.87 9.49
N GLN A 194 11.66 -8.62 10.67
CA GLN A 194 13.13 -8.61 10.78
C GLN A 194 13.75 -9.94 10.37
N LYS A 195 13.06 -11.02 10.67
CA LYS A 195 13.55 -12.33 10.30
C LYS A 195 13.62 -12.48 8.78
N PHE A 196 12.57 -12.07 8.04
CA PHE A 196 12.71 -12.22 6.59
C PHE A 196 13.87 -11.42 6.10
N ILE A 197 14.08 -10.24 6.68
CA ILE A 197 15.22 -9.47 6.25
C ILE A 197 16.52 -10.24 6.49
N TYR A 198 16.61 -10.93 7.61
CA TYR A 198 17.87 -11.56 7.94
C TYR A 198 18.08 -12.79 7.06
N GLU A 199 16.99 -13.44 6.68
CA GLU A 199 17.03 -14.61 5.82
C GLU A 199 17.28 -14.40 4.32
N SER A 200 17.31 -13.16 3.84
CA SER A 200 17.50 -12.93 2.41
C SER A 200 18.69 -12.05 2.20
N ASP A 201 19.63 -12.49 1.38
CA ASP A 201 20.85 -11.70 1.16
C ASP A 201 20.54 -10.39 0.50
N VAL A 202 19.56 -10.41 -0.38
CA VAL A 202 19.26 -9.22 -1.13
C VAL A 202 18.66 -8.27 -0.13
N LEU A 203 17.69 -8.71 0.66
CA LEU A 203 17.21 -7.75 1.64
C LEU A 203 18.23 -7.29 2.68
N TRP A 204 18.98 -8.25 3.23
CA TRP A 204 19.96 -7.89 4.25
C TRP A 204 20.90 -6.88 3.61
N LYS A 205 21.32 -7.13 2.37
CA LYS A 205 22.31 -6.20 1.82
C LYS A 205 21.74 -4.79 1.90
N HIS A 206 20.43 -4.64 1.76
CA HIS A 206 20.03 -3.27 1.52
C HIS A 206 19.23 -2.78 2.71
N ARG A 207 19.35 -3.54 3.80
CA ARG A 207 18.60 -3.29 5.03
C ARG A 207 18.60 -1.82 5.50
N SER A 208 19.64 -1.07 5.20
CA SER A 208 19.70 0.24 5.82
C SER A 208 18.60 1.05 5.15
N ASN A 209 18.03 0.49 4.11
CA ASN A 209 16.98 1.16 3.34
C ASN A 209 15.57 0.57 3.55
N ILE A 210 15.37 -0.31 4.55
CA ILE A 210 14.04 -0.89 4.81
C ILE A 210 13.72 -0.40 6.22
N HIS A 211 12.54 0.13 6.50
CA HIS A 211 12.22 0.56 7.87
C HIS A 211 11.07 -0.29 8.35
N VAL A 212 11.29 -1.03 9.41
CA VAL A 212 10.25 -1.85 9.96
C VAL A 212 9.51 -1.08 11.02
N VAL A 213 8.21 -0.93 10.85
CA VAL A 213 7.45 -0.10 11.76
C VAL A 213 6.46 -0.93 12.57
N ASN A 214 6.55 -0.85 13.90
CA ASN A 214 5.61 -1.58 14.73
C ASN A 214 4.22 -0.95 14.87
N GLU A 215 3.17 -1.74 14.74
CA GLU A 215 1.85 -1.29 15.13
C GLU A 215 1.47 -1.90 16.48
N TRP A 216 1.35 -1.06 17.49
CA TRP A 216 1.04 -1.50 18.84
C TRP A 216 -0.44 -1.57 19.03
N PHE A 217 -1.21 -1.05 18.07
CA PHE A 217 -2.66 -1.18 18.15
C PHE A 217 -3.17 -2.12 17.12
N ALA A 218 -3.49 -3.34 17.46
CA ALA A 218 -3.96 -4.29 16.49
C ALA A 218 -5.20 -3.73 15.76
N ASN A 219 -5.16 -3.70 14.44
CA ASN A 219 -6.39 -3.41 13.70
C ASN A 219 -6.26 -4.08 12.35
N ASP A 220 -6.36 -5.41 12.35
CA ASP A 220 -6.18 -6.29 11.20
C ASP A 220 -7.44 -6.40 10.36
N ILE A 221 -7.81 -5.32 9.71
CA ILE A 221 -9.03 -5.33 8.94
C ILE A 221 -8.73 -5.58 7.46
N SER A 222 -8.61 -6.85 7.06
CA SER A 222 -8.12 -7.19 5.71
C SER A 222 -9.28 -7.11 4.75
N SER A 223 -8.97 -6.83 3.49
CA SER A 223 -10.03 -6.81 2.44
C SER A 223 -10.78 -8.12 2.38
N THR A 224 -10.02 -9.19 2.41
CA THR A 224 -10.53 -10.53 2.44
C THR A 224 -11.53 -10.71 3.55
N LYS A 225 -11.24 -10.28 4.77
CA LYS A 225 -12.32 -10.38 5.79
C LYS A 225 -13.52 -9.47 5.52
N ILE A 226 -13.27 -8.33 4.93
CA ILE A 226 -14.42 -7.46 4.71
C ILE A 226 -15.30 -8.14 3.67
N ARG A 227 -14.70 -8.63 2.60
CA ARG A 227 -15.53 -9.24 1.54
C ARG A 227 -16.28 -10.42 2.14
N ARG A 228 -15.58 -11.27 2.90
CA ARG A 228 -16.24 -12.40 3.55
C ARG A 228 -17.45 -11.92 4.39
N ALA A 229 -17.25 -10.86 5.16
CA ALA A 229 -18.36 -10.42 6.01
C ALA A 229 -19.49 -9.99 5.10
N LEU A 230 -19.14 -9.29 4.00
CA LEU A 230 -20.19 -8.71 3.19
C LEU A 230 -21.03 -9.79 2.51
N ARG A 231 -20.43 -10.76 1.88
CA ARG A 231 -21.24 -11.85 1.33
C ARG A 231 -22.00 -12.73 2.32
N ARG A 232 -21.78 -12.53 3.63
CA ARG A 232 -22.68 -13.11 4.65
C ARG A 232 -23.66 -12.14 5.22
N GLY A 233 -23.77 -10.95 4.63
CA GLY A 233 -24.76 -9.98 5.11
C GLY A 233 -24.44 -9.32 6.44
N GLN A 234 -23.16 -9.35 6.85
CA GLN A 234 -22.82 -8.81 8.17
C GLN A 234 -22.49 -7.34 8.12
N SER A 235 -22.62 -6.65 9.24
CA SER A 235 -22.16 -5.27 9.28
C SER A 235 -20.67 -5.12 9.12
N ILE A 236 -20.24 -4.06 8.45
CA ILE A 236 -18.82 -3.72 8.39
C ILE A 236 -18.64 -2.32 8.86
N ARG A 237 -19.75 -1.72 9.30
CA ARG A 237 -19.68 -0.42 9.97
C ARG A 237 -18.52 -0.38 10.98
N TYR A 238 -17.69 0.65 10.90
CA TYR A 238 -16.70 1.09 11.88
C TYR A 238 -15.43 0.27 11.66
N LEU A 239 -15.36 -0.51 10.57
CA LEU A 239 -14.11 -1.06 10.04
C LEU A 239 -13.61 -0.35 8.77
N VAL A 240 -14.47 0.45 8.15
CA VAL A 240 -14.12 1.23 6.97
C VAL A 240 -14.81 2.58 7.15
N PRO A 241 -14.36 3.62 6.49
CA PRO A 241 -15.04 4.93 6.60
C PRO A 241 -16.54 4.88 6.20
N ASP A 242 -17.31 5.65 6.95
CA ASP A 242 -18.76 5.68 6.82
C ASP A 242 -19.11 5.80 5.33
N LEU A 243 -18.44 6.70 4.60
CA LEU A 243 -18.81 6.87 3.20
C LEU A 243 -18.48 5.68 2.29
N VAL A 244 -17.38 4.99 2.57
CA VAL A 244 -17.02 3.79 1.86
C VAL A 244 -18.04 2.66 2.15
N GLN A 245 -18.48 2.58 3.38
CA GLN A 245 -19.55 1.66 3.74
C GLN A 245 -20.90 1.98 3.03
N GLU A 246 -21.19 3.25 2.92
CA GLU A 246 -22.40 3.65 2.18
C GLU A 246 -22.37 3.31 0.69
N TYR A 247 -21.20 3.50 0.07
CA TYR A 247 -21.03 3.22 -1.34
C TYR A 247 -21.19 1.74 -1.58
N ILE A 248 -20.54 0.95 -0.72
CA ILE A 248 -20.60 -0.50 -0.88
C ILE A 248 -22.06 -0.93 -0.74
N GLU A 249 -22.77 -0.33 0.20
CA GLU A 249 -24.13 -0.77 0.40
C GLU A 249 -25.07 -0.40 -0.71
N LYS A 250 -24.92 0.81 -1.23
CA LYS A 250 -25.87 1.21 -2.28
C LYS A 250 -25.67 0.46 -3.62
N HIS A 251 -24.42 0.13 -3.89
CA HIS A 251 -24.06 -0.65 -5.06
C HIS A 251 -24.05 -2.15 -4.85
N ASN A 252 -24.46 -2.60 -3.67
CA ASN A 252 -24.50 -4.03 -3.39
C ASN A 252 -23.23 -4.78 -3.77
N LEU A 253 -22.07 -4.19 -3.48
CA LEU A 253 -20.84 -4.85 -3.81
C LEU A 253 -20.44 -5.99 -2.87
N TYR A 254 -19.76 -6.99 -3.42
CA TYR A 254 -19.23 -8.09 -2.64
C TYR A 254 -20.36 -8.91 -2.00
N SER A 255 -21.59 -8.60 -2.32
CA SER A 255 -22.70 -9.29 -1.68
C SER A 255 -22.80 -10.71 -2.27
N SER A 256 -22.48 -10.85 -3.56
CA SER A 256 -22.91 -11.98 -4.36
C SER A 256 -22.41 -13.27 -3.74
N GLU A 257 -21.22 -13.67 -4.18
CA GLU A 257 -20.92 -15.04 -4.59
C GLU A 257 -21.36 -16.10 -3.58
#